data_1HO0
#
_entry.id   1HO0
#
_cell.length_a   1.000
_cell.length_b   1.000
_cell.length_c   1.000
_cell.angle_alpha   90.00
_cell.angle_beta   90.00
_cell.angle_gamma   90.00
#
_symmetry.space_group_name_H-M   'P 1'
#
_entity_poly.entity_id   1
_entity_poly.type   'polypeptide(L)'
_entity_poly.pdbx_seq_one_letter_code
;FVNQHLSGSHLVEALYLVSGERGFFYTPKA
;
_entity_poly.pdbx_strand_id   A
#
# COMPACT_ATOMS: atom_id res chain seq x y z
N PHE A 1 0.38 -24.07 -0.36
CA PHE A 1 0.62 -22.67 -0.79
C PHE A 1 -0.37 -22.39 -1.94
N VAL A 2 -1.21 -21.35 -1.76
CA VAL A 2 -2.24 -20.92 -2.77
C VAL A 2 -2.17 -19.37 -2.58
N ASN A 3 -1.50 -18.67 -3.52
CA ASN A 3 -1.33 -17.19 -3.49
C ASN A 3 -2.43 -16.58 -4.40
N GLN A 4 -3.26 -15.69 -3.81
CA GLN A 4 -4.38 -15.00 -4.51
C GLN A 4 -4.20 -13.52 -4.09
N HIS A 5 -3.76 -12.67 -5.06
CA HIS A 5 -3.53 -11.22 -4.84
C HIS A 5 -4.01 -10.51 -6.14
N LEU A 6 -5.03 -9.63 -6.00
CA LEU A 6 -5.63 -8.85 -7.13
C LEU A 6 -5.97 -7.39 -6.73
N SER A 7 -6.78 -7.17 -5.67
CA SER A 7 -7.20 -5.85 -5.15
C SER A 7 -7.09 -5.83 -3.61
N GLY A 8 -6.49 -4.76 -3.07
CA GLY A 8 -6.30 -4.58 -1.60
C GLY A 8 -6.22 -3.09 -1.24
N SER A 9 -7.40 -2.47 -1.01
CA SER A 9 -7.50 -1.03 -0.64
C SER A 9 -7.15 -0.63 0.81
N HIS A 10 -7.39 -1.48 1.86
CA HIS A 10 -7.06 -1.16 3.29
C HIS A 10 -5.56 -0.78 3.54
N LEU A 11 -4.57 -1.57 3.02
CA LEU A 11 -3.11 -1.30 3.12
C LEU A 11 -2.77 0.04 2.37
N VAL A 12 -2.82 0.08 1.02
CA VAL A 12 -2.54 1.30 0.15
C VAL A 12 -3.29 2.60 0.60
N GLU A 13 -4.47 2.54 1.26
CA GLU A 13 -5.14 3.76 1.82
C GLU A 13 -4.32 4.18 3.10
N ALA A 14 -4.18 3.39 4.18
CA ALA A 14 -3.44 3.76 5.45
C ALA A 14 -2.13 4.62 5.45
N LEU A 15 -1.24 4.47 4.45
CA LEU A 15 0.06 5.21 4.35
C LEU A 15 0.04 6.68 3.89
N TYR A 16 -0.94 6.98 3.05
CA TYR A 16 -1.27 8.32 2.51
C TYR A 16 -1.18 9.62 3.44
N LEU A 17 -1.41 9.41 4.75
CA LEU A 17 -1.44 10.40 5.83
C LEU A 17 -0.02 10.80 6.35
N VAL A 18 0.84 9.82 6.76
CA VAL A 18 2.24 10.07 7.25
C VAL A 18 3.18 10.24 5.98
N SER A 19 3.29 9.24 5.06
CA SER A 19 4.14 9.31 3.85
C SER A 19 3.71 10.32 2.74
N GLY A 20 2.42 10.38 2.33
CA GLY A 20 1.92 11.31 1.28
C GLY A 20 2.15 10.81 -0.16
N GLU A 21 1.66 11.65 -1.10
CA GLU A 21 1.74 11.40 -2.59
C GLU A 21 3.19 11.64 -3.15
N ARG A 22 4.06 10.68 -2.78
CA ARG A 22 5.51 10.58 -3.12
C ARG A 22 6.02 9.12 -2.81
N GLY A 23 5.60 8.48 -1.68
CA GLY A 23 6.05 7.11 -1.32
C GLY A 23 5.24 6.00 -2.00
N PHE A 24 5.62 5.69 -3.26
CA PHE A 24 4.98 4.63 -4.08
C PHE A 24 6.12 3.98 -4.90
N PHE A 25 6.39 2.68 -4.68
CA PHE A 25 7.45 1.89 -5.36
C PHE A 25 6.87 0.58 -6.00
N TYR A 26 6.22 -0.35 -5.23
CA TYR A 26 5.65 -1.62 -5.75
C TYR A 26 4.24 -1.39 -6.37
N THR A 27 3.98 -2.02 -7.55
CA THR A 27 2.70 -1.95 -8.34
C THR A 27 2.41 -0.49 -8.87
N PRO A 28 2.19 -0.09 -10.19
CA PRO A 28 1.97 1.33 -10.57
C PRO A 28 0.54 1.85 -10.22
N LYS A 29 0.46 3.14 -9.83
CA LYS A 29 -0.82 3.82 -9.46
C LYS A 29 -0.81 5.13 -10.28
N ALA A 30 -1.75 5.24 -11.24
CA ALA A 30 -1.89 6.42 -12.12
C ALA A 30 -2.87 7.44 -11.52
N PHE A 1 2.86 -18.58 -4.72
CA PHE A 1 3.28 -19.85 -4.07
C PHE A 1 3.41 -19.75 -2.52
N VAL A 2 4.14 -18.75 -1.95
CA VAL A 2 4.30 -18.57 -0.47
C VAL A 2 3.24 -17.46 -0.15
N ASN A 3 3.64 -16.17 -0.09
CA ASN A 3 2.75 -15.03 0.19
C ASN A 3 2.33 -14.37 -1.15
N GLN A 4 1.02 -14.36 -1.45
CA GLN A 4 0.46 -13.77 -2.69
C GLN A 4 -0.10 -12.38 -2.26
N HIS A 5 0.51 -11.30 -2.79
CA HIS A 5 0.12 -9.89 -2.50
C HIS A 5 0.08 -9.13 -3.84
N LEU A 6 -1.14 -8.81 -4.33
CA LEU A 6 -1.38 -8.07 -5.61
C LEU A 6 -2.52 -7.00 -5.50
N SER A 7 -3.73 -7.38 -5.02
CA SER A 7 -4.90 -6.50 -4.85
C SER A 7 -5.21 -6.34 -3.35
N GLY A 8 -5.34 -5.08 -2.89
CA GLY A 8 -5.64 -4.76 -1.48
C GLY A 8 -5.55 -3.27 -1.23
N SER A 9 -6.68 -2.55 -1.41
CA SER A 9 -6.76 -1.07 -1.21
C SER A 9 -6.68 -0.52 0.24
N HIS A 10 -7.14 -1.24 1.30
CA HIS A 10 -7.07 -0.77 2.73
C HIS A 10 -5.62 -0.45 3.23
N LEU A 11 -4.61 -1.37 3.04
CA LEU A 11 -3.19 -1.15 3.42
C LEU A 11 -2.63 0.08 2.63
N VAL A 12 -2.37 -0.01 1.30
CA VAL A 12 -1.88 1.14 0.43
C VAL A 12 -2.64 2.50 0.54
N GLU A 13 -3.96 2.52 0.90
CA GLU A 13 -4.71 3.78 1.13
C GLU A 13 -4.45 4.40 2.54
N ALA A 14 -4.08 3.67 3.62
CA ALA A 14 -3.77 4.25 4.97
C ALA A 14 -2.46 5.06 5.19
N LEU A 15 -1.34 4.68 4.56
CA LEU A 15 0.02 5.31 4.68
C LEU A 15 0.26 6.70 4.07
N TYR A 16 -0.44 6.95 2.97
CA TYR A 16 -0.50 8.20 2.19
C TYR A 16 -0.49 9.60 2.92
N LEU A 17 -1.04 9.63 4.14
CA LEU A 17 -1.21 10.77 5.06
C LEU A 17 0.06 11.14 5.89
N VAL A 18 0.67 10.16 6.61
CA VAL A 18 1.91 10.37 7.45
C VAL A 18 3.18 10.34 6.51
N SER A 19 3.43 9.28 5.69
CA SER A 19 4.61 9.17 4.80
C SER A 19 4.74 10.23 3.65
N GLY A 20 3.67 10.52 2.87
CA GLY A 20 3.73 11.52 1.76
C GLY A 20 2.89 11.09 0.55
N GLU A 21 2.33 12.10 -0.17
CA GLU A 21 1.47 11.92 -1.39
C GLU A 21 1.91 10.86 -2.45
N ARG A 22 3.23 10.68 -2.70
CA ARG A 22 3.78 9.68 -3.65
C ARG A 22 3.66 8.19 -3.14
N GLY A 23 3.95 7.89 -1.85
CA GLY A 23 3.87 6.52 -1.29
C GLY A 23 5.09 5.64 -1.56
N PHE A 24 4.98 4.39 -1.09
CA PHE A 24 6.03 3.33 -1.22
C PHE A 24 5.59 1.95 -1.83
N PHE A 25 4.32 1.53 -1.62
CA PHE A 25 3.71 0.25 -2.11
C PHE A 25 4.30 -0.99 -1.37
N TYR A 26 5.60 -1.35 -1.58
CA TYR A 26 6.27 -2.51 -0.92
C TYR A 26 7.80 -2.24 -0.97
N THR A 27 8.47 -2.35 0.20
CA THR A 27 9.94 -2.11 0.34
C THR A 27 10.74 -3.41 -0.10
N PRO A 28 11.80 -3.46 -1.00
CA PRO A 28 12.45 -4.74 -1.42
C PRO A 28 12.97 -5.79 -0.39
N LYS A 29 13.38 -5.33 0.82
CA LYS A 29 13.92 -6.20 1.91
C LYS A 29 13.38 -5.60 3.22
N ALA A 30 12.60 -6.41 3.98
CA ALA A 30 12.01 -6.01 5.28
C ALA A 30 12.93 -6.36 6.44
N PHE A 1 1.98 -20.74 4.67
CA PHE A 1 3.26 -20.28 5.28
C PHE A 1 3.80 -18.99 4.58
N VAL A 2 4.03 -18.95 3.24
CA VAL A 2 4.55 -17.76 2.50
C VAL A 2 3.29 -17.00 1.98
N ASN A 3 2.81 -15.99 2.76
CA ASN A 3 1.62 -15.12 2.48
C ASN A 3 0.31 -15.93 2.26
N GLN A 4 -0.69 -15.76 3.15
CA GLN A 4 -2.01 -16.45 3.09
C GLN A 4 -3.17 -15.39 3.14
N HIS A 5 -3.37 -14.64 4.27
CA HIS A 5 -4.44 -13.62 4.41
C HIS A 5 -3.86 -12.25 4.00
N LEU A 6 -4.58 -11.54 3.08
CA LEU A 6 -4.18 -10.21 2.55
C LEU A 6 -5.41 -9.24 2.57
N SER A 7 -5.17 -7.97 2.94
CA SER A 7 -6.22 -6.92 3.02
C SER A 7 -6.65 -6.29 1.65
N GLY A 8 -5.72 -5.92 0.74
CA GLY A 8 -6.05 -5.32 -0.58
C GLY A 8 -5.87 -3.80 -0.54
N SER A 9 -6.93 -3.05 -0.85
CA SER A 9 -6.92 -1.56 -0.87
C SER A 9 -6.93 -0.84 0.51
N HIS A 10 -7.59 -1.35 1.59
CA HIS A 10 -7.62 -0.69 2.94
C HIS A 10 -6.21 -0.39 3.56
N LEU A 11 -5.26 -1.37 3.58
CA LEU A 11 -3.87 -1.17 4.10
C LEU A 11 -3.14 -0.10 3.22
N VAL A 12 -2.75 -0.36 1.95
CA VAL A 12 -2.09 0.63 1.01
C VAL A 12 -2.77 2.03 0.87
N GLU A 13 -4.10 2.18 1.08
CA GLU A 13 -4.80 3.50 1.07
C GLU A 13 -4.63 4.27 2.42
N ALA A 14 -4.43 3.67 3.61
CA ALA A 14 -4.23 4.39 4.91
C ALA A 14 -2.88 5.14 5.18
N LEU A 15 -1.73 4.62 4.72
CA LEU A 15 -0.35 5.19 4.92
C LEU A 15 0.06 6.46 4.18
N TYR A 16 -0.52 6.61 2.99
CA TYR A 16 -0.41 7.75 2.06
C TYR A 16 -0.36 9.24 2.61
N LEU A 17 -1.03 9.45 3.76
CA LEU A 17 -1.21 10.71 4.51
C LEU A 17 0.01 11.10 5.40
N VAL A 18 0.48 10.22 6.31
CA VAL A 18 1.66 10.46 7.23
C VAL A 18 3.00 10.20 6.45
N SER A 19 3.21 9.01 5.80
CA SER A 19 4.46 8.68 5.06
C SER A 19 4.86 9.58 3.85
N GLY A 20 3.94 9.89 2.88
CA GLY A 20 4.27 10.75 1.72
C GLY A 20 3.31 10.50 0.56
N GLU A 21 2.32 11.41 0.39
CA GLU A 21 1.27 11.37 -0.70
C GLU A 21 1.75 10.89 -2.13
N ARG A 22 2.91 11.39 -2.62
CA ARG A 22 3.51 10.97 -3.92
C ARG A 22 4.94 10.39 -3.60
N GLY A 23 4.99 9.25 -2.89
CA GLY A 23 6.25 8.56 -2.50
C GLY A 23 6.10 7.04 -2.58
N PHE A 24 5.50 6.41 -1.54
CA PHE A 24 5.24 4.93 -1.41
C PHE A 24 6.57 4.13 -1.34
N PHE A 25 7.02 3.81 -0.10
CA PHE A 25 8.26 3.03 0.16
C PHE A 25 7.87 2.04 1.29
N TYR A 26 7.82 0.73 0.94
CA TYR A 26 7.46 -0.37 1.88
C TYR A 26 8.52 -1.49 1.68
N THR A 27 9.26 -1.81 2.76
CA THR A 27 10.31 -2.87 2.77
C THR A 27 9.60 -4.18 3.31
N PRO A 28 9.37 -5.35 2.60
CA PRO A 28 8.59 -6.49 3.17
C PRO A 28 9.37 -7.31 4.23
N LYS A 29 8.71 -7.62 5.36
CA LYS A 29 9.31 -8.40 6.49
C LYS A 29 9.14 -9.95 6.25
N ALA A 30 7.90 -10.50 6.20
CA ALA A 30 7.66 -11.95 5.96
C ALA A 30 6.61 -12.13 4.86
N PHE A 1 -10.08 -22.40 2.56
CA PHE A 1 -10.06 -23.87 2.29
C PHE A 1 -8.61 -24.40 2.09
N VAL A 2 -7.80 -23.90 1.10
CA VAL A 2 -6.41 -24.36 0.86
C VAL A 2 -5.67 -23.10 0.31
N ASN A 3 -4.99 -22.33 1.20
CA ASN A 3 -4.21 -21.07 0.91
C ASN A 3 -5.10 -19.96 0.28
N GLN A 4 -5.23 -18.81 0.97
CA GLN A 4 -6.05 -17.65 0.50
C GLN A 4 -5.16 -16.40 0.76
N HIS A 5 -4.79 -15.70 -0.32
CA HIS A 5 -3.95 -14.47 -0.28
C HIS A 5 -4.67 -13.46 -1.21
N LEU A 6 -5.23 -12.38 -0.61
CA LEU A 6 -5.97 -11.32 -1.34
C LEU A 6 -5.65 -9.98 -0.61
N SER A 7 -5.07 -9.01 -1.36
CA SER A 7 -4.70 -7.67 -0.82
C SER A 7 -5.85 -6.69 -1.10
N GLY A 8 -6.34 -6.03 -0.03
CA GLY A 8 -7.45 -5.04 -0.11
C GLY A 8 -6.99 -3.58 -0.17
N SER A 9 -8.01 -2.70 -0.26
CA SER A 9 -7.83 -1.23 -0.32
C SER A 9 -7.50 -0.49 1.01
N HIS A 10 -7.99 -0.94 2.21
CA HIS A 10 -7.69 -0.29 3.53
C HIS A 10 -6.16 -0.21 3.86
N LEU A 11 -5.39 -1.34 3.79
CA LEU A 11 -3.91 -1.39 4.00
C LEU A 11 -3.08 -0.43 3.08
N VAL A 12 -3.39 -0.35 1.77
CA VAL A 12 -2.68 0.51 0.76
C VAL A 12 -3.19 1.99 0.89
N GLU A 13 -4.50 2.32 1.08
CA GLU A 13 -4.93 3.75 1.28
C GLU A 13 -4.37 4.40 2.60
N ALA A 14 -4.14 3.58 3.64
CA ALA A 14 -3.54 3.97 4.95
C ALA A 14 -2.20 4.77 4.93
N LEU A 15 -1.20 4.30 4.14
CA LEU A 15 0.15 4.90 4.07
C LEU A 15 0.49 6.18 3.37
N TYR A 16 -0.26 6.52 2.34
CA TYR A 16 -0.07 7.79 1.60
C TYR A 16 -0.29 9.10 2.46
N LEU A 17 -1.17 8.99 3.47
CA LEU A 17 -1.55 10.05 4.44
C LEU A 17 -0.44 10.38 5.49
N VAL A 18 0.21 9.36 6.14
CA VAL A 18 1.31 9.55 7.14
C VAL A 18 2.66 9.80 6.37
N SER A 19 3.13 8.88 5.49
CA SER A 19 4.40 9.03 4.72
C SER A 19 4.46 10.17 3.67
N GLY A 20 3.43 10.37 2.80
CA GLY A 20 3.40 11.45 1.78
C GLY A 20 3.02 10.87 0.41
N GLU A 21 1.85 11.28 -0.12
CA GLU A 21 1.30 10.83 -1.45
C GLU A 21 2.31 10.67 -2.64
N ARG A 22 3.28 11.61 -2.81
CA ARG A 22 4.32 11.57 -3.88
C ARG A 22 5.43 10.48 -3.66
N GLY A 23 5.91 10.23 -2.41
CA GLY A 23 6.96 9.22 -2.12
C GLY A 23 6.31 7.89 -1.74
N PHE A 24 6.05 7.04 -2.76
CA PHE A 24 5.44 5.70 -2.56
C PHE A 24 6.60 4.68 -2.54
N PHE A 25 6.92 4.17 -1.33
CA PHE A 25 8.01 3.18 -1.10
C PHE A 25 7.42 2.15 -0.10
N TYR A 26 7.28 0.89 -0.55
CA TYR A 26 6.74 -0.23 0.27
C TYR A 26 7.98 -1.02 0.77
N THR A 27 8.20 -1.00 2.10
CA THR A 27 9.33 -1.71 2.76
C THR A 27 8.71 -3.06 3.30
N PRO A 28 8.93 -4.34 2.78
CA PRO A 28 8.27 -5.55 3.33
C PRO A 28 8.95 -6.05 4.63
N LYS A 29 8.17 -6.13 5.74
CA LYS A 29 8.67 -6.59 7.07
C LYS A 29 8.57 -8.15 7.21
N ALA A 30 7.37 -8.79 7.06
CA ALA A 30 7.19 -10.25 7.16
C ALA A 30 6.39 -10.77 5.97
N PHE A 1 -4.19 -4.27 -21.50
CA PHE A 1 -4.63 -2.96 -20.96
C PHE A 1 -5.40 -3.05 -19.61
N VAL A 2 -6.53 -3.81 -19.51
CA VAL A 2 -7.33 -3.97 -18.26
C VAL A 2 -6.77 -5.24 -17.55
N ASN A 3 -5.81 -5.05 -16.62
CA ASN A 3 -5.16 -6.15 -15.84
C ASN A 3 -5.05 -5.71 -14.36
N GLN A 4 -5.65 -6.50 -13.45
CA GLN A 4 -5.64 -6.23 -11.98
C GLN A 4 -5.15 -7.57 -11.36
N HIS A 5 -3.94 -7.54 -10.75
CA HIS A 5 -3.30 -8.72 -10.10
C HIS A 5 -3.86 -8.97 -8.65
N LEU A 6 -3.69 -8.04 -7.67
CA LEU A 6 -4.17 -8.20 -6.27
C LEU A 6 -4.76 -6.82 -5.85
N SER A 7 -6.08 -6.81 -5.55
CA SER A 7 -6.80 -5.59 -5.11
C SER A 7 -6.82 -5.53 -3.56
N GLY A 8 -6.43 -4.37 -3.01
CA GLY A 8 -6.39 -4.17 -1.54
C GLY A 8 -6.20 -2.69 -1.21
N SER A 9 -7.32 -1.98 -1.01
CA SER A 9 -7.34 -0.52 -0.67
C SER A 9 -6.87 -0.12 0.76
N HIS A 10 -7.04 -0.95 1.83
CA HIS A 10 -6.59 -0.62 3.23
C HIS A 10 -5.03 -0.36 3.33
N LEU A 11 -4.17 -1.27 2.82
CA LEU A 11 -2.67 -1.12 2.81
C LEU A 11 -2.20 0.15 2.03
N VAL A 12 -2.60 0.36 0.75
CA VAL A 12 -2.23 1.56 -0.08
C VAL A 12 -2.92 2.89 0.35
N GLU A 13 -4.14 2.91 0.94
CA GLU A 13 -4.75 4.19 1.45
C GLU A 13 -4.08 4.67 2.80
N ALA A 14 -3.61 3.73 3.64
CA ALA A 14 -2.89 4.00 4.92
C ALA A 14 -1.68 4.98 4.89
N LEU A 15 -0.75 4.81 3.91
CA LEU A 15 0.50 5.60 3.78
C LEU A 15 0.57 7.03 3.31
N TYR A 16 -0.37 7.43 2.47
CA TYR A 16 -0.45 8.83 1.97
C TYR A 16 -0.68 9.92 3.09
N LEU A 17 -1.37 9.50 4.18
CA LEU A 17 -1.71 10.31 5.38
C LEU A 17 -0.46 10.59 6.29
N VAL A 18 0.31 9.56 6.74
CA VAL A 18 1.54 9.69 7.59
C VAL A 18 2.75 10.06 6.63
N SER A 19 3.14 9.19 5.66
CA SER A 19 4.27 9.42 4.72
C SER A 19 4.03 10.52 3.63
N GLY A 20 2.95 10.46 2.81
CA GLY A 20 2.66 11.46 1.76
C GLY A 20 2.29 10.85 0.40
N GLU A 21 1.81 11.76 -0.48
CA GLU A 21 1.37 11.46 -1.89
C GLU A 21 2.16 10.40 -2.74
N ARG A 22 3.50 10.32 -2.60
CA ARG A 22 4.37 9.34 -3.34
C ARG A 22 4.11 7.83 -2.99
N GLY A 23 3.96 7.44 -1.69
CA GLY A 23 3.70 6.04 -1.29
C GLY A 23 4.97 5.19 -1.21
N PHE A 24 4.96 4.02 -1.87
CA PHE A 24 6.10 3.05 -1.90
C PHE A 24 6.24 2.50 -3.34
N PHE A 25 7.49 2.46 -3.87
CA PHE A 25 7.79 1.94 -5.23
C PHE A 25 8.15 0.44 -5.08
N TYR A 26 7.30 -0.44 -5.66
CA TYR A 26 7.48 -1.93 -5.63
C TYR A 26 8.53 -2.49 -6.64
N THR A 27 8.49 -2.03 -7.91
CA THR A 27 9.41 -2.47 -9.00
C THR A 27 10.61 -1.42 -9.00
N PRO A 28 11.96 -1.70 -8.77
CA PRO A 28 13.00 -0.63 -8.70
C PRO A 28 13.36 -0.01 -10.08
N LYS A 29 13.67 1.32 -10.10
CA LYS A 29 14.04 2.14 -11.31
C LYS A 29 12.86 2.25 -12.30
N ALA A 30 12.50 3.48 -12.70
CA ALA A 30 11.38 3.75 -13.64
C ALA A 30 11.91 3.81 -15.09
N PHE A 1 -9.21 -20.71 -15.77
CA PHE A 1 -8.07 -20.89 -16.70
C PHE A 1 -7.02 -19.72 -16.57
N VAL A 2 -7.40 -18.43 -16.79
CA VAL A 2 -6.47 -17.25 -16.68
C VAL A 2 -7.45 -16.18 -16.12
N ASN A 3 -7.35 -15.89 -14.80
CA ASN A 3 -8.21 -14.90 -14.09
C ASN A 3 -7.28 -14.11 -13.13
N GLN A 4 -7.23 -12.77 -13.32
CA GLN A 4 -6.40 -11.85 -12.49
C GLN A 4 -7.38 -11.16 -11.51
N HIS A 5 -7.15 -11.34 -10.20
CA HIS A 5 -7.97 -10.77 -9.11
C HIS A 5 -6.97 -10.19 -8.08
N LEU A 6 -6.98 -8.84 -7.92
CA LEU A 6 -6.09 -8.11 -6.98
C LEU A 6 -7.02 -7.10 -6.26
N SER A 7 -7.28 -7.35 -4.96
CA SER A 7 -8.15 -6.49 -4.11
C SER A 7 -7.47 -6.30 -2.73
N GLY A 8 -7.40 -5.03 -2.27
CA GLY A 8 -6.78 -4.69 -0.97
C GLY A 8 -6.86 -3.19 -0.69
N SER A 9 -8.00 -2.74 -0.15
CA SER A 9 -8.24 -1.31 0.20
C SER A 9 -7.62 -0.81 1.54
N HIS A 10 -7.56 -1.62 2.64
CA HIS A 10 -6.97 -1.20 3.96
C HIS A 10 -5.46 -0.78 3.87
N LEU A 11 -4.56 -1.64 3.30
CA LEU A 11 -3.11 -1.34 3.08
C LEU A 11 -2.86 -0.08 2.18
N VAL A 12 -3.49 0.00 0.98
CA VAL A 12 -3.39 1.13 -0.01
C VAL A 12 -4.05 2.44 0.50
N GLU A 13 -5.06 2.47 1.40
CA GLU A 13 -5.58 3.76 1.96
C GLU A 13 -4.62 4.22 3.10
N ALA A 14 -4.38 3.44 4.19
CA ALA A 14 -3.51 3.79 5.37
C ALA A 14 -2.21 4.65 5.31
N LEU A 15 -1.49 4.52 4.21
CA LEU A 15 -0.18 5.14 3.87
C LEU A 15 -0.14 6.60 3.45
N TYR A 16 -1.14 6.96 2.68
CA TYR A 16 -1.46 8.31 2.17
C TYR A 16 -1.25 9.58 3.11
N LEU A 17 -1.49 9.36 4.42
CA LEU A 17 -1.42 10.31 5.54
C LEU A 17 0.02 10.55 6.08
N VAL A 18 0.77 9.49 6.48
CA VAL A 18 2.18 9.57 7.00
C VAL A 18 3.15 9.71 5.75
N SER A 19 3.19 8.72 4.80
CA SER A 19 4.05 8.76 3.59
C SER A 19 3.75 9.89 2.54
N GLY A 20 2.47 10.13 2.15
CA GLY A 20 2.10 11.17 1.18
C GLY A 20 2.28 10.78 -0.30
N GLU A 21 1.72 11.64 -1.18
CA GLU A 21 1.74 11.49 -2.68
C GLU A 21 3.06 10.96 -3.34
N ARG A 22 4.25 11.43 -2.88
CA ARG A 22 5.57 10.95 -3.39
C ARG A 22 6.41 10.36 -2.20
N GLY A 23 5.88 9.29 -1.55
CA GLY A 23 6.54 8.61 -0.41
C GLY A 23 7.34 7.40 -0.93
N PHE A 24 7.01 6.20 -0.39
CA PHE A 24 7.67 4.92 -0.78
C PHE A 24 6.95 4.27 -1.99
N PHE A 25 7.73 3.78 -2.97
CA PHE A 25 7.22 3.12 -4.21
C PHE A 25 7.17 1.59 -3.94
N TYR A 26 5.98 0.99 -4.12
CA TYR A 26 5.75 -0.47 -3.92
C TYR A 26 6.22 -1.36 -5.12
N THR A 27 5.71 -1.09 -6.34
CA THR A 27 6.07 -1.83 -7.59
C THR A 27 7.30 -1.09 -8.27
N PRO A 28 8.52 -1.65 -8.62
CA PRO A 28 9.66 -0.85 -9.17
C PRO A 28 9.39 -0.23 -10.57
N LYS A 29 9.88 1.00 -10.80
CA LYS A 29 9.73 1.75 -12.08
C LYS A 29 11.15 2.09 -12.65
N ALA A 30 11.98 2.97 -12.00
CA ALA A 30 13.36 3.39 -12.42
C ALA A 30 13.45 3.99 -13.83
N PHE A 1 5.60 -20.73 -12.32
CA PHE A 1 6.21 -19.66 -13.16
C PHE A 1 5.60 -18.25 -12.87
N VAL A 2 4.26 -18.03 -13.00
CA VAL A 2 3.59 -16.71 -12.74
C VAL A 2 3.12 -16.75 -11.25
N ASN A 3 3.63 -15.81 -10.42
CA ASN A 3 3.29 -15.69 -8.97
C ASN A 3 2.13 -14.67 -8.85
N GLN A 4 1.02 -15.10 -8.21
CA GLN A 4 -0.19 -14.26 -7.99
C GLN A 4 -0.07 -13.67 -6.55
N HIS A 5 -0.13 -12.32 -6.45
CA HIS A 5 -0.04 -11.58 -5.16
C HIS A 5 -1.13 -10.47 -5.20
N LEU A 6 -2.25 -10.69 -4.47
CA LEU A 6 -3.40 -9.73 -4.40
C LEU A 6 -3.18 -8.71 -3.25
N SER A 7 -3.55 -7.43 -3.51
CA SER A 7 -3.43 -6.31 -2.54
C SER A 7 -4.76 -5.53 -2.54
N GLY A 8 -5.41 -5.45 -1.37
CA GLY A 8 -6.70 -4.74 -1.19
C GLY A 8 -6.55 -3.24 -0.90
N SER A 9 -7.73 -2.61 -0.68
CA SER A 9 -7.85 -1.15 -0.37
C SER A 9 -7.43 -0.69 1.06
N HIS A 10 -7.66 -1.48 2.15
CA HIS A 10 -7.26 -1.10 3.55
C HIS A 10 -5.76 -0.71 3.75
N LEU A 11 -4.80 -1.54 3.24
CA LEU A 11 -3.33 -1.28 3.31
C LEU A 11 -3.00 0.00 2.48
N VAL A 12 -3.08 -0.01 1.12
CA VAL A 12 -2.82 1.15 0.18
C VAL A 12 -3.54 2.48 0.59
N GLU A 13 -4.70 2.49 1.30
CA GLU A 13 -5.32 3.74 1.82
C GLU A 13 -4.46 4.20 3.04
N ALA A 14 -4.31 3.46 4.18
CA ALA A 14 -3.53 3.87 5.40
C ALA A 14 -2.18 4.66 5.34
N LEU A 15 -1.33 4.45 4.33
CA LEU A 15 -0.02 5.15 4.16
C LEU A 15 -0.02 6.60 3.67
N TYR A 16 -1.00 6.91 2.85
CA TYR A 16 -1.31 8.24 2.28
C TYR A 16 -1.16 9.55 3.17
N LEU A 17 -1.44 9.39 4.48
CA LEU A 17 -1.42 10.41 5.55
C LEU A 17 0.01 10.67 6.13
N VAL A 18 0.73 9.63 6.61
CA VAL A 18 2.12 9.75 7.19
C VAL A 18 3.15 9.81 5.99
N SER A 19 3.22 8.79 5.10
CA SER A 19 4.16 8.77 3.94
C SER A 19 3.96 9.85 2.84
N GLY A 20 2.71 10.16 2.38
CA GLY A 20 2.45 11.18 1.35
C GLY A 20 2.56 10.61 -0.08
N GLU A 21 1.59 10.96 -0.95
CA GLU A 21 1.50 10.51 -2.39
C GLU A 21 2.83 10.44 -3.22
N ARG A 22 3.77 11.39 -3.04
CA ARG A 22 5.09 11.42 -3.76
C ARG A 22 6.10 10.32 -3.28
N GLY A 23 6.21 10.00 -1.96
CA GLY A 23 7.14 8.98 -1.43
C GLY A 23 6.37 7.70 -1.07
N PHE A 24 6.18 6.81 -2.07
CA PHE A 24 5.47 5.53 -1.89
C PHE A 24 6.56 4.44 -1.71
N PHE A 25 6.85 4.10 -0.43
CA PHE A 25 7.88 3.09 -0.04
C PHE A 25 7.33 2.38 1.22
N TYR A 26 7.18 1.05 1.14
CA TYR A 26 6.67 0.19 2.24
C TYR A 26 7.64 -1.02 2.31
N THR A 27 8.36 -1.17 3.45
CA THR A 27 9.37 -2.24 3.75
C THR A 27 10.62 -2.16 2.79
N PRO A 28 11.97 -2.07 3.15
CA PRO A 28 13.05 -1.92 2.16
C PRO A 28 13.36 -3.25 1.40
N LYS A 29 13.24 -3.22 0.05
CA LYS A 29 13.48 -4.39 -0.84
C LYS A 29 14.32 -3.82 -2.02
N ALA A 30 15.59 -4.28 -2.11
CA ALA A 30 16.53 -3.85 -3.17
C ALA A 30 16.47 -4.79 -4.36
N PHE A 1 -16.47 -0.28 -8.85
CA PHE A 1 -17.25 -1.35 -8.21
C PHE A 1 -17.01 -2.74 -8.90
N VAL A 2 -17.34 -2.92 -10.22
CA VAL A 2 -17.15 -4.22 -10.97
C VAL A 2 -15.66 -4.47 -11.38
N ASN A 3 -15.07 -3.55 -12.18
CA ASN A 3 -13.67 -3.62 -12.67
C ASN A 3 -12.77 -2.86 -11.66
N GLN A 4 -11.76 -3.56 -11.10
CA GLN A 4 -10.81 -3.00 -10.11
C GLN A 4 -9.40 -3.57 -10.46
N HIS A 5 -8.42 -2.66 -10.64
CA HIS A 5 -7.01 -3.03 -10.98
C HIS A 5 -6.19 -3.51 -9.73
N LEU A 6 -6.06 -2.71 -8.64
CA LEU A 6 -5.30 -3.10 -7.41
C LEU A 6 -6.29 -3.74 -6.42
N SER A 7 -5.97 -4.98 -5.98
CA SER A 7 -6.81 -5.76 -5.02
C SER A 7 -6.75 -5.31 -3.53
N GLY A 8 -5.56 -5.06 -2.94
CA GLY A 8 -5.43 -4.63 -1.52
C GLY A 8 -5.48 -3.11 -1.37
N SER A 9 -6.71 -2.55 -1.31
CA SER A 9 -6.95 -1.08 -1.15
C SER A 9 -6.81 -0.54 0.29
N HIS A 10 -7.28 -1.24 1.37
CA HIS A 10 -7.16 -0.78 2.80
C HIS A 10 -5.69 -0.46 3.27
N LEU A 11 -4.69 -1.34 2.96
CA LEU A 11 -3.24 -1.13 3.27
C LEU A 11 -2.72 0.12 2.49
N VAL A 12 -2.56 0.07 1.14
CA VAL A 12 -2.09 1.20 0.25
C VAL A 12 -2.82 2.56 0.49
N GLU A 13 -4.10 2.61 0.98
CA GLU A 13 -4.77 3.90 1.34
C GLU A 13 -4.12 4.38 2.70
N ALA A 14 -4.18 3.66 3.85
CA ALA A 14 -3.61 4.09 5.18
C ALA A 14 -2.27 4.88 5.32
N LEU A 15 -1.24 4.61 4.49
CA LEU A 15 0.10 5.28 4.52
C LEU A 15 0.23 6.71 3.98
N TYR A 16 -0.60 7.00 2.98
CA TYR A 16 -0.78 8.31 2.31
C TYR A 16 -0.73 9.66 3.17
N LEU A 17 -1.18 9.56 4.43
CA LEU A 17 -1.30 10.62 5.45
C LEU A 17 0.04 10.97 6.17
N VAL A 18 0.77 9.97 6.72
CA VAL A 18 2.09 10.15 7.43
C VAL A 18 3.24 10.28 6.35
N SER A 19 3.44 9.28 5.43
CA SER A 19 4.51 9.33 4.39
C SER A 19 4.40 10.44 3.30
N GLY A 20 3.21 10.75 2.73
CA GLY A 20 3.02 11.79 1.71
C GLY A 20 2.55 11.25 0.35
N GLU A 21 2.09 12.20 -0.50
CA GLU A 21 1.55 11.94 -1.88
C GLU A 21 2.15 10.80 -2.76
N ARG A 22 3.50 10.66 -2.79
CA ARG A 22 4.22 9.60 -3.56
C ARG A 22 4.12 8.16 -2.97
N GLY A 23 4.22 7.98 -1.62
CA GLY A 23 4.13 6.65 -0.96
C GLY A 23 5.36 5.74 -1.14
N PHE A 24 5.48 4.76 -0.22
CA PHE A 24 6.59 3.76 -0.21
C PHE A 24 6.20 2.51 -1.06
N PHE A 25 7.15 2.00 -1.88
CA PHE A 25 6.95 0.82 -2.77
C PHE A 25 7.24 -0.47 -1.96
N TYR A 26 6.27 -1.41 -2.00
CA TYR A 26 6.36 -2.74 -1.30
C TYR A 26 7.34 -3.79 -1.94
N THR A 27 7.31 -3.95 -3.27
CA THR A 27 8.18 -4.90 -4.03
C THR A 27 9.50 -4.11 -4.43
N PRO A 28 10.80 -4.39 -4.02
CA PRO A 28 11.96 -3.53 -4.39
C PRO A 28 12.41 -3.69 -5.88
N LYS A 29 12.85 -2.56 -6.48
CA LYS A 29 13.32 -2.51 -7.90
C LYS A 29 14.84 -2.88 -7.99
N ALA A 30 15.78 -2.12 -7.38
CA ALA A 30 17.23 -2.40 -7.43
C ALA A 30 17.65 -3.29 -6.26
N PHE A 1 -8.58 -16.44 -4.83
CA PHE A 1 -8.48 -17.22 -6.07
C PHE A 1 -9.20 -16.39 -7.16
N VAL A 2 -8.43 -15.96 -8.20
CA VAL A 2 -8.89 -15.12 -9.37
C VAL A 2 -8.80 -13.66 -8.83
N ASN A 3 -7.67 -12.96 -9.13
CA ASN A 3 -7.40 -11.57 -8.70
C ASN A 3 -6.83 -10.82 -9.93
N GLN A 4 -7.51 -9.74 -10.36
CA GLN A 4 -7.10 -8.91 -11.54
C GLN A 4 -7.30 -7.38 -11.22
N HIS A 5 -8.53 -6.87 -10.95
CA HIS A 5 -8.80 -5.43 -10.65
C HIS A 5 -8.71 -5.07 -9.13
N LEU A 6 -9.51 -5.73 -8.23
CA LEU A 6 -9.50 -5.45 -6.76
C LEU A 6 -8.49 -6.44 -6.10
N SER A 7 -7.47 -5.88 -5.42
CA SER A 7 -6.40 -6.66 -4.72
C SER A 7 -6.32 -6.39 -3.19
N GLY A 8 -6.25 -5.12 -2.71
CA GLY A 8 -6.16 -4.81 -1.27
C GLY A 8 -6.08 -3.30 -1.05
N SER A 9 -7.25 -2.64 -0.95
CA SER A 9 -7.35 -1.16 -0.73
C SER A 9 -7.07 -0.65 0.72
N HIS A 10 -7.45 -1.37 1.81
CA HIS A 10 -7.19 -0.95 3.23
C HIS A 10 -5.70 -0.59 3.57
N LEU A 11 -4.72 -1.46 3.20
CA LEU A 11 -3.26 -1.23 3.40
C LEU A 11 -2.80 0.00 2.54
N VAL A 12 -2.75 -0.08 1.18
CA VAL A 12 -2.36 1.03 0.22
C VAL A 12 -3.09 2.39 0.48
N GLU A 13 -4.33 2.44 1.05
CA GLU A 13 -4.98 3.72 1.43
C GLU A 13 -4.23 4.25 2.72
N ALA A 14 -4.23 3.57 3.90
CA ALA A 14 -3.57 4.03 5.17
C ALA A 14 -2.22 4.82 5.22
N LEU A 15 -1.26 4.53 4.31
CA LEU A 15 0.07 5.21 4.26
C LEU A 15 0.15 6.64 3.71
N TYR A 16 -0.74 6.91 2.77
CA TYR A 16 -0.97 8.22 2.10
C TYR A 16 -0.89 9.57 2.94
N LEU A 17 -1.34 9.49 4.21
CA LEU A 17 -1.42 10.55 5.22
C LEU A 17 -0.09 10.85 5.97
N VAL A 18 0.58 9.84 6.58
CA VAL A 18 1.88 9.98 7.33
C VAL A 18 3.06 10.08 6.29
N SER A 19 3.27 9.10 5.38
CA SER A 19 4.37 9.11 4.38
C SER A 19 4.43 10.29 3.35
N GLY A 20 3.28 10.73 2.76
CA GLY A 20 3.24 11.85 1.78
C GLY A 20 2.76 11.41 0.38
N GLU A 21 2.36 12.42 -0.41
CA GLU A 21 1.83 12.27 -1.83
C GLU A 21 2.54 11.23 -2.77
N ARG A 22 3.89 11.09 -2.71
CA ARG A 22 4.68 10.13 -3.54
C ARG A 22 4.57 8.64 -3.05
N GLY A 23 4.57 8.35 -1.71
CA GLY A 23 4.47 6.96 -1.17
C GLY A 23 5.83 6.23 -1.16
N PHE A 24 6.01 5.36 -0.14
CA PHE A 24 7.24 4.54 0.06
C PHE A 24 7.19 3.22 -0.77
N PHE A 25 8.38 2.75 -1.24
CA PHE A 25 8.52 1.51 -2.06
C PHE A 25 8.58 0.28 -1.10
N TYR A 26 7.74 -0.74 -1.39
CA TYR A 26 7.64 -1.99 -0.59
C TYR A 26 8.73 -3.01 -1.03
N THR A 27 9.38 -3.64 -0.03
CA THR A 27 10.44 -4.67 -0.24
C THR A 27 10.16 -5.91 0.70
N PRO A 28 9.98 -7.24 0.31
CA PRO A 28 9.60 -8.31 1.28
C PRO A 28 10.64 -8.61 2.40
N LYS A 29 10.15 -8.85 3.63
CA LYS A 29 10.99 -9.14 4.81
C LYS A 29 10.52 -10.54 5.30
N ALA A 30 11.43 -11.54 5.21
CA ALA A 30 11.17 -12.93 5.63
C ALA A 30 11.56 -13.16 7.09
N PHE A 1 -23.51 -8.29 4.18
CA PHE A 1 -23.96 -7.78 2.85
C PHE A 1 -22.94 -8.09 1.71
N VAL A 2 -21.64 -7.70 1.81
CA VAL A 2 -20.61 -7.95 0.75
C VAL A 2 -19.26 -8.14 1.52
N ASN A 3 -18.70 -9.37 1.52
CA ASN A 3 -17.43 -9.70 2.22
C ASN A 3 -16.28 -9.58 1.16
N GLN A 4 -15.30 -8.70 1.45
CA GLN A 4 -14.13 -8.45 0.57
C GLN A 4 -12.97 -9.40 0.98
N HIS A 5 -12.65 -10.38 0.12
CA HIS A 5 -11.57 -11.38 0.37
C HIS A 5 -10.17 -10.83 -0.06
N LEU A 6 -9.11 -11.16 0.73
CA LEU A 6 -7.67 -10.75 0.51
C LEU A 6 -7.49 -9.20 0.62
N SER A 7 -6.42 -8.75 1.31
CA SER A 7 -6.10 -7.32 1.51
C SER A 7 -5.40 -6.70 0.28
N GLY A 8 -5.83 -5.47 -0.11
CA GLY A 8 -5.28 -4.73 -1.27
C GLY A 8 -5.34 -3.22 -1.07
N SER A 9 -6.53 -2.62 -1.34
CA SER A 9 -6.75 -1.15 -1.21
C SER A 9 -6.80 -0.56 0.23
N HIS A 10 -7.37 -1.23 1.27
CA HIS A 10 -7.41 -0.70 2.68
C HIS A 10 -6.00 -0.39 3.30
N LEU A 11 -5.04 -1.36 3.25
CA LEU A 11 -3.63 -1.18 3.73
C LEU A 11 -2.98 0.01 2.94
N VAL A 12 -2.65 -0.14 1.63
CA VAL A 12 -2.04 0.92 0.73
C VAL A 12 -2.78 2.31 0.79
N GLU A 13 -4.10 2.40 1.07
CA GLU A 13 -4.81 3.71 1.23
C GLU A 13 -4.56 4.38 2.63
N ALA A 14 -4.28 3.67 3.74
CA ALA A 14 -3.98 4.28 5.08
C ALA A 14 -2.63 5.04 5.32
N LEU A 15 -1.51 4.57 4.74
CA LEU A 15 -0.14 5.15 4.89
C LEU A 15 0.20 6.48 4.21
N TYR A 16 -0.45 6.70 3.08
CA TYR A 16 -0.42 7.90 2.22
C TYR A 16 -0.35 9.36 2.86
N LEU A 17 -0.93 9.48 4.07
CA LEU A 17 -1.07 10.69 4.90
C LEU A 17 0.23 11.05 5.68
N VAL A 18 0.84 10.11 6.45
CA VAL A 18 2.12 10.32 7.21
C VAL A 18 3.32 10.16 6.18
N SER A 19 3.43 9.01 5.45
CA SER A 19 4.51 8.75 4.46
C SER A 19 4.72 9.76 3.27
N GLY A 20 3.64 10.28 2.64
CA GLY A 20 3.73 11.24 1.51
C GLY A 20 2.85 10.74 0.36
N GLU A 21 1.88 11.59 -0.07
CA GLU A 21 0.90 11.30 -1.19
C GLU A 21 1.42 10.47 -2.42
N ARG A 22 2.64 10.75 -2.93
CA ARG A 22 3.27 10.00 -4.05
C ARG A 22 4.70 9.53 -3.57
N GLY A 23 4.73 8.61 -2.56
CA GLY A 23 5.99 8.08 -2.02
C GLY A 23 5.70 6.91 -1.07
N PHE A 24 5.70 5.68 -1.61
CA PHE A 24 5.44 4.44 -0.85
C PHE A 24 6.81 3.89 -0.37
N PHE A 25 7.06 3.97 0.95
CA PHE A 25 8.30 3.49 1.61
C PHE A 25 7.86 2.94 2.99
N TYR A 26 7.76 1.59 3.11
CA TYR A 26 7.35 0.91 4.37
C TYR A 26 8.66 0.47 5.09
N THR A 27 9.15 1.35 5.99
CA THR A 27 10.39 1.13 6.80
C THR A 27 10.06 1.73 8.23
N PRO A 28 9.96 1.03 9.42
CA PRO A 28 9.59 1.67 10.72
C PRO A 28 10.68 2.62 11.28
N LYS A 29 10.27 3.82 11.76
CA LYS A 29 11.15 4.90 12.34
C LYS A 29 12.15 5.46 11.28
N ALA A 30 12.21 6.80 11.14
CA ALA A 30 13.09 7.48 10.17
C ALA A 30 14.45 7.80 10.80
N PHE A 1 8.48 -11.17 -16.49
CA PHE A 1 7.22 -11.35 -15.74
C PHE A 1 7.17 -10.25 -14.65
N VAL A 2 6.11 -9.42 -14.68
CA VAL A 2 5.90 -8.31 -13.71
C VAL A 2 4.60 -8.81 -13.00
N ASN A 3 4.75 -9.33 -11.77
CA ASN A 3 3.63 -9.87 -10.94
C ASN A 3 3.57 -9.02 -9.64
N GLN A 4 2.38 -8.45 -9.35
CA GLN A 4 2.13 -7.60 -8.14
C GLN A 4 1.94 -8.44 -6.83
N HIS A 5 1.04 -9.48 -6.78
CA HIS A 5 0.76 -10.36 -5.59
C HIS A 5 0.15 -9.55 -4.40
N LEU A 6 -0.96 -10.05 -3.78
CA LEU A 6 -1.69 -9.44 -2.63
C LEU A 6 -2.27 -8.02 -2.98
N SER A 7 -3.44 -8.01 -3.64
CA SER A 7 -4.14 -6.77 -4.06
C SER A 7 -5.25 -6.45 -3.02
N GLY A 8 -5.29 -5.18 -2.57
CA GLY A 8 -6.29 -4.72 -1.58
C GLY A 8 -6.14 -3.21 -1.29
N SER A 9 -7.31 -2.53 -1.16
CA SER A 9 -7.38 -1.06 -0.87
C SER A 9 -7.03 -0.62 0.58
N HIS A 10 -7.34 -1.40 1.66
CA HIS A 10 -7.02 -1.03 3.09
C HIS A 10 -5.51 -0.65 3.34
N LEU A 11 -4.53 -1.49 2.86
CA LEU A 11 -3.07 -1.22 2.97
C LEU A 11 -2.73 0.14 2.27
N VAL A 12 -2.77 0.24 0.92
CA VAL A 12 -2.50 1.49 0.11
C VAL A 12 -3.30 2.76 0.60
N GLU A 13 -4.49 2.65 1.22
CA GLU A 13 -5.23 3.83 1.79
C GLU A 13 -4.66 4.29 3.17
N ALA A 14 -4.03 3.45 4.03
CA ALA A 14 -3.43 3.86 5.33
C ALA A 14 -2.12 4.72 5.37
N LEU A 15 -1.17 4.50 4.45
CA LEU A 15 0.16 5.20 4.34
C LEU A 15 0.20 6.65 3.87
N TYR A 16 -0.76 6.99 3.02
CA TYR A 16 -1.05 8.31 2.44
C TYR A 16 -0.90 9.62 3.32
N LEU A 17 -1.13 9.46 4.64
CA LEU A 17 -1.12 10.47 5.71
C LEU A 17 0.31 10.82 6.22
N VAL A 18 1.13 9.82 6.64
CA VAL A 18 2.53 10.01 7.15
C VAL A 18 3.49 10.16 5.88
N SER A 19 3.57 9.15 4.96
CA SER A 19 4.43 9.21 3.75
C SER A 19 4.02 10.24 2.64
N GLY A 20 2.72 10.36 2.27
CA GLY A 20 2.25 11.32 1.25
C GLY A 20 2.14 10.74 -0.18
N GLU A 21 1.54 11.58 -1.05
CA GLU A 21 1.28 11.29 -2.51
C GLU A 21 2.35 10.46 -3.30
N ARG A 22 3.67 10.73 -3.10
CA ARG A 22 4.77 9.96 -3.75
C ARG A 22 5.70 9.37 -2.62
N GLY A 23 5.14 8.45 -1.80
CA GLY A 23 5.88 7.79 -0.70
C GLY A 23 5.24 6.43 -0.38
N PHE A 24 5.70 5.38 -1.08
CA PHE A 24 5.20 3.98 -0.92
C PHE A 24 6.46 3.07 -0.86
N PHE A 25 6.64 2.36 0.26
CA PHE A 25 7.79 1.44 0.49
C PHE A 25 7.18 0.03 0.76
N TYR A 26 7.55 -0.95 -0.09
CA TYR A 26 7.06 -2.36 0.01
C TYR A 26 8.25 -3.38 0.08
N THR A 27 9.12 -3.42 -0.95
CA THR A 27 10.31 -4.33 -1.04
C THR A 27 11.55 -3.64 -0.34
N PRO A 28 12.41 -4.22 0.59
CA PRO A 28 13.48 -3.45 1.28
C PRO A 28 14.71 -3.13 0.38
N LYS A 29 15.32 -1.95 0.59
CA LYS A 29 16.51 -1.47 -0.17
C LYS A 29 17.85 -2.05 0.41
N ALA A 30 18.22 -1.78 1.70
CA ALA A 30 19.46 -2.27 2.33
C ALA A 30 19.22 -3.61 3.03
N PHE A 1 -9.63 -16.57 18.56
CA PHE A 1 -9.73 -17.13 17.19
C PHE A 1 -8.86 -16.24 16.27
N VAL A 2 -7.90 -16.88 15.57
CA VAL A 2 -6.96 -16.19 14.62
C VAL A 2 -7.59 -16.37 13.20
N ASN A 3 -8.28 -15.32 12.70
CA ASN A 3 -8.95 -15.33 11.37
C ASN A 3 -7.96 -14.72 10.35
N GLN A 4 -7.72 -15.46 9.23
CA GLN A 4 -6.81 -15.04 8.14
C GLN A 4 -7.71 -14.36 7.06
N HIS A 5 -7.53 -13.04 6.89
CA HIS A 5 -8.30 -12.22 5.91
C HIS A 5 -7.27 -11.33 5.18
N LEU A 6 -7.23 -11.44 3.83
CA LEU A 6 -6.31 -10.67 2.96
C LEU A 6 -7.01 -9.35 2.54
N SER A 7 -6.50 -8.20 3.04
CA SER A 7 -7.06 -6.85 2.74
C SER A 7 -6.38 -6.25 1.51
N GLY A 8 -7.19 -5.74 0.56
CA GLY A 8 -6.72 -5.12 -0.69
C GLY A 8 -6.54 -3.60 -0.52
N SER A 9 -7.64 -2.84 -0.69
CA SER A 9 -7.64 -1.35 -0.56
C SER A 9 -7.50 -0.76 0.87
N HIS A 10 -8.00 -1.40 1.95
CA HIS A 10 -7.89 -0.90 3.37
C HIS A 10 -6.42 -0.62 3.85
N LEU A 11 -5.47 -1.60 3.66
CA LEU A 11 -4.03 -1.44 4.01
C LEU A 11 -3.39 -0.31 3.12
N VAL A 12 -3.20 -0.51 1.79
CA VAL A 12 -2.62 0.48 0.80
C VAL A 12 -3.27 1.90 0.89
N GLU A 13 -4.55 2.09 1.30
CA GLU A 13 -5.14 3.45 1.50
C GLU A 13 -4.51 4.03 2.83
N ALA A 14 -4.66 3.44 4.05
CA ALA A 14 -4.10 3.98 5.35
C ALA A 14 -2.73 4.69 5.45
N LEU A 15 -1.70 4.28 4.69
CA LEU A 15 -0.31 4.86 4.70
C LEU A 15 -0.08 6.20 4.00
N TYR A 16 -0.85 6.44 2.96
CA TYR A 16 -0.92 7.67 2.15
C TYR A 16 -0.82 9.10 2.84
N LEU A 17 -1.30 9.17 4.10
CA LEU A 17 -1.39 10.35 4.98
C LEU A 17 -0.05 10.71 5.68
N VAL A 18 0.63 9.75 6.37
CA VAL A 18 1.95 9.95 7.07
C VAL A 18 3.09 9.88 5.97
N SER A 19 3.20 8.79 5.17
CA SER A 19 4.24 8.62 4.10
C SER A 19 4.45 9.73 3.03
N GLY A 20 3.40 10.45 2.58
CA GLY A 20 3.50 11.53 1.57
C GLY A 20 3.28 10.97 0.17
N GLU A 21 2.08 11.23 -0.40
CA GLU A 21 1.64 10.75 -1.77
C GLU A 21 2.71 10.78 -2.92
N ARG A 22 3.59 11.80 -3.00
CA ARG A 22 4.66 11.92 -4.04
C ARG A 22 5.87 10.94 -3.82
N GLY A 23 6.34 10.71 -2.57
CA GLY A 23 7.47 9.80 -2.29
C GLY A 23 6.94 8.50 -1.69
N PHE A 24 6.70 7.49 -2.56
CA PHE A 24 6.17 6.16 -2.16
C PHE A 24 7.38 5.24 -1.88
N PHE A 25 7.47 4.77 -0.61
CA PHE A 25 8.55 3.86 -0.14
C PHE A 25 7.91 2.86 0.86
N TYR A 26 7.95 1.55 0.53
CA TYR A 26 7.37 0.47 1.38
C TYR A 26 8.53 -0.10 2.23
N THR A 27 8.42 0.07 3.57
CA THR A 27 9.44 -0.40 4.55
C THR A 27 8.60 -1.10 5.71
N PRO A 28 8.62 -2.45 6.05
CA PRO A 28 7.74 -3.01 7.12
C PRO A 28 8.21 -2.64 8.57
N LYS A 29 7.23 -2.45 9.48
CA LYS A 29 7.48 -2.08 10.91
C LYS A 29 6.44 -2.88 11.74
N ALA A 30 6.94 -3.70 12.68
CA ALA A 30 6.10 -4.54 13.57
C ALA A 30 5.76 -3.79 14.86
N PHE A 1 -14.12 -17.06 13.85
CA PHE A 1 -13.24 -15.96 13.41
C PHE A 1 -11.94 -16.07 14.24
N VAL A 2 -10.80 -16.30 13.55
CA VAL A 2 -9.44 -16.44 14.18
C VAL A 2 -8.37 -15.57 13.40
N ASN A 3 -8.11 -15.90 12.13
CA ASN A 3 -7.13 -15.21 11.25
C ASN A 3 -7.89 -14.11 10.46
N GLN A 4 -7.36 -12.87 10.48
CA GLN A 4 -7.93 -11.69 9.78
C GLN A 4 -7.25 -11.63 8.38
N HIS A 5 -8.07 -11.76 7.31
CA HIS A 5 -7.61 -11.73 5.90
C HIS A 5 -7.73 -10.28 5.37
N LEU A 6 -6.65 -9.79 4.71
CA LEU A 6 -6.58 -8.43 4.12
C LEU A 6 -7.05 -8.55 2.64
N SER A 7 -8.10 -7.78 2.28
CA SER A 7 -8.69 -7.77 0.91
C SER A 7 -7.89 -7.01 -0.19
N GLY A 8 -7.41 -5.75 0.03
CA GLY A 8 -6.65 -4.99 -0.99
C GLY A 8 -6.50 -3.50 -0.65
N SER A 9 -7.57 -2.73 -0.88
CA SER A 9 -7.60 -1.26 -0.63
C SER A 9 -7.41 -0.74 0.83
N HIS A 10 -7.79 -1.48 1.90
CA HIS A 10 -7.61 -1.03 3.33
C HIS A 10 -6.12 -0.72 3.72
N LEU A 11 -5.14 -1.64 3.44
CA LEU A 11 -3.69 -1.43 3.73
C LEU A 11 -3.18 -0.21 2.89
N VAL A 12 -3.01 -0.31 1.54
CA VAL A 12 -2.56 0.83 0.63
C VAL A 12 -3.30 2.20 0.80
N GLU A 13 -4.58 2.25 1.25
CA GLU A 13 -5.29 3.53 1.53
C GLU A 13 -4.92 4.14 2.91
N ALA A 14 -4.50 3.40 3.97
CA ALA A 14 -4.08 3.98 5.30
C ALA A 14 -2.73 4.77 5.42
N LEU A 15 -1.66 4.36 4.70
CA LEU A 15 -0.30 4.98 4.72
C LEU A 15 -0.06 6.34 4.06
N TYR A 16 -0.85 6.60 3.04
CA TYR A 16 -0.94 7.83 2.24
C TYR A 16 -0.84 9.25 2.95
N LEU A 17 -1.29 9.30 4.22
CA LEU A 17 -1.36 10.45 5.13
C LEU A 17 -0.02 10.81 5.83
N VAL A 18 0.65 9.84 6.51
CA VAL A 18 1.96 10.02 7.23
C VAL A 18 3.14 9.96 6.16
N SER A 19 3.28 8.89 5.35
CA SER A 19 4.37 8.75 4.33
C SER A 19 4.48 9.83 3.21
N GLY A 20 3.36 10.32 2.62
CA GLY A 20 3.39 11.34 1.55
C GLY A 20 3.20 10.68 0.18
N GLU A 21 1.97 10.77 -0.39
CA GLU A 21 1.58 10.18 -1.71
C GLU A 21 2.60 10.29 -2.90
N ARG A 22 3.37 11.40 -3.02
CA ARG A 22 4.39 11.61 -4.11
C ARG A 22 5.67 10.70 -3.97
N GLY A 23 6.23 10.47 -2.74
CA GLY A 23 7.42 9.63 -2.53
C GLY A 23 7.05 8.35 -1.78
N PHE A 24 6.59 7.32 -2.53
CA PHE A 24 6.19 6.00 -1.97
C PHE A 24 6.71 4.93 -2.97
N PHE A 25 7.56 4.01 -2.46
CA PHE A 25 8.17 2.90 -3.25
C PHE A 25 8.01 1.60 -2.42
N TYR A 26 6.95 0.83 -2.73
CA TYR A 26 6.61 -0.46 -2.06
C TYR A 26 6.50 -1.63 -3.09
N THR A 27 5.51 -1.58 -4.01
CA THR A 27 5.27 -2.60 -5.07
C THR A 27 6.15 -2.29 -6.34
N PRO A 28 7.09 -3.12 -6.95
CA PRO A 28 7.93 -2.68 -8.11
C PRO A 28 7.14 -2.37 -9.41
N LYS A 29 7.55 -1.30 -10.13
CA LYS A 29 6.91 -0.85 -11.40
C LYS A 29 7.77 -1.45 -12.54
N ALA A 30 7.16 -2.34 -13.35
CA ALA A 30 7.82 -3.02 -14.48
C ALA A 30 7.63 -2.22 -15.78
N PHE A 1 -7.62 8.37 -17.35
CA PHE A 1 -8.27 8.30 -16.02
C PHE A 1 -8.75 6.84 -15.84
N VAL A 2 -8.27 6.17 -14.75
CA VAL A 2 -8.59 4.74 -14.36
C VAL A 2 -7.61 3.88 -15.23
N ASN A 3 -6.45 3.50 -14.65
CA ASN A 3 -5.40 2.68 -15.32
C ASN A 3 -4.87 1.71 -14.25
N GLN A 4 -4.95 0.38 -14.54
CA GLN A 4 -4.50 -0.76 -13.65
C GLN A 4 -5.33 -0.81 -12.35
N HIS A 5 -5.89 -2.01 -12.01
CA HIS A 5 -6.71 -2.22 -10.78
C HIS A 5 -5.76 -2.72 -9.66
N LEU A 6 -5.72 -1.98 -8.54
CA LEU A 6 -4.86 -2.31 -7.36
C LEU A 6 -5.72 -3.13 -6.37
N SER A 7 -5.24 -4.33 -6.01
CA SER A 7 -5.92 -5.26 -5.08
C SER A 7 -5.52 -4.97 -3.61
N GLY A 8 -6.54 -4.88 -2.73
CA GLY A 8 -6.34 -4.61 -1.28
C GLY A 8 -6.37 -3.10 -0.99
N SER A 9 -7.60 -2.56 -0.79
CA SER A 9 -7.82 -1.12 -0.49
C SER A 9 -7.51 -0.66 0.96
N HIS A 10 -7.81 -1.44 2.04
CA HIS A 10 -7.52 -1.06 3.47
C HIS A 10 -6.01 -0.75 3.76
N LEU A 11 -5.05 -1.62 3.32
CA LEU A 11 -3.58 -1.41 3.47
C LEU A 11 -3.15 -0.14 2.66
N VAL A 12 -3.15 -0.17 1.30
CA VAL A 12 -2.79 0.97 0.36
C VAL A 12 -3.48 2.33 0.71
N GLU A 13 -4.69 2.37 1.35
CA GLU A 13 -5.30 3.65 1.81
C GLU A 13 -4.51 4.11 3.09
N ALA A 14 -4.43 3.37 4.23
CA ALA A 14 -3.72 3.79 5.49
C ALA A 14 -2.37 4.58 5.48
N LEU A 15 -1.45 4.31 4.53
CA LEU A 15 -0.11 4.98 4.41
C LEU A 15 -0.05 6.42 3.88
N TYR A 16 -0.98 6.72 3.00
CA TYR A 16 -1.22 8.04 2.37
C TYR A 16 -1.09 9.37 3.22
N LEU A 17 -1.38 9.27 4.53
CA LEU A 17 -1.39 10.32 5.56
C LEU A 17 0.03 10.67 6.11
N VAL A 18 0.82 9.68 6.61
CA VAL A 18 2.21 9.87 7.15
C VAL A 18 3.21 9.94 5.93
N SER A 19 3.28 8.91 5.04
CA SER A 19 4.21 8.89 3.87
C SER A 19 3.97 9.96 2.75
N GLY A 20 2.72 10.19 2.27
CA GLY A 20 2.40 11.19 1.23
C GLY A 20 2.60 10.64 -0.18
N GLU A 21 1.63 10.95 -1.09
CA GLU A 21 1.62 10.51 -2.53
C GLU A 21 2.97 10.57 -3.33
N ARG A 22 3.84 11.57 -3.09
CA ARG A 22 5.17 11.72 -3.77
C ARG A 22 6.24 10.64 -3.38
N GLY A 23 6.33 10.20 -2.09
CA GLY A 23 7.30 9.18 -1.65
C GLY A 23 6.60 7.87 -1.28
N PHE A 24 6.37 7.01 -2.29
CA PHE A 24 5.69 5.69 -2.11
C PHE A 24 6.82 4.63 -2.05
N PHE A 25 6.90 3.90 -0.92
CA PHE A 25 7.91 2.83 -0.68
C PHE A 25 7.10 1.61 -0.18
N TYR A 26 7.11 0.52 -0.99
CA TYR A 26 6.39 -0.76 -0.68
C TYR A 26 7.38 -1.98 -0.71
N THR A 27 7.97 -2.29 -1.87
CA THR A 27 8.94 -3.42 -2.06
C THR A 27 10.40 -2.90 -1.78
N PRO A 28 11.37 -3.49 -0.97
CA PRO A 28 12.70 -2.87 -0.71
C PRO A 28 13.62 -2.76 -1.94
N LYS A 29 14.31 -1.61 -2.07
CA LYS A 29 15.24 -1.33 -3.20
C LYS A 29 16.67 -1.62 -2.68
N ALA A 30 17.39 -2.54 -3.36
CA ALA A 30 18.77 -2.94 -3.00
C ALA A 30 19.79 -2.09 -3.74
N PHE A 1 2.02 -20.08 -10.83
CA PHE A 1 0.79 -19.44 -11.34
C PHE A 1 -0.18 -19.23 -10.16
N VAL A 2 -0.51 -17.96 -9.85
CA VAL A 2 -1.43 -17.57 -8.73
C VAL A 2 -2.66 -17.08 -9.55
N ASN A 3 -3.73 -17.91 -9.62
CA ASN A 3 -4.99 -17.59 -10.35
C ASN A 3 -5.91 -16.51 -9.70
N GLN A 4 -6.18 -16.62 -8.38
CA GLN A 4 -7.04 -15.67 -7.61
C GLN A 4 -6.16 -14.50 -7.08
N HIS A 5 -6.43 -13.26 -7.54
CA HIS A 5 -5.68 -12.05 -7.12
C HIS A 5 -6.72 -10.93 -6.88
N LEU A 6 -6.86 -10.48 -5.61
CA LEU A 6 -7.81 -9.42 -5.20
C LEU A 6 -7.08 -8.58 -4.12
N SER A 7 -6.82 -7.29 -4.44
CA SER A 7 -6.12 -6.35 -3.53
C SER A 7 -7.11 -5.63 -2.59
N GLY A 8 -6.76 -5.57 -1.29
CA GLY A 8 -7.58 -4.92 -0.25
C GLY A 8 -7.28 -3.41 -0.13
N SER A 9 -8.34 -2.59 -0.11
CA SER A 9 -8.25 -1.11 0.00
C SER A 9 -7.78 -0.51 1.35
N HIS A 10 -8.08 -1.10 2.55
CA HIS A 10 -7.63 -0.57 3.88
C HIS A 10 -6.06 -0.49 4.04
N LEU A 11 -5.29 -1.56 3.69
CA LEU A 11 -3.80 -1.59 3.72
C LEU A 11 -3.13 -0.50 2.78
N VAL A 12 -3.53 -0.40 1.50
CA VAL A 12 -3.01 0.61 0.52
C VAL A 12 -3.54 2.05 0.75
N GLU A 13 -4.77 2.29 1.27
CA GLU A 13 -5.23 3.68 1.60
C GLU A 13 -4.55 4.26 2.89
N ALA A 14 -4.17 3.39 3.85
CA ALA A 14 -3.45 3.73 5.11
C ALA A 14 -2.14 4.57 4.99
N LEU A 15 -1.20 4.15 4.10
CA LEU A 15 0.12 4.79 3.90
C LEU A 15 0.33 6.16 3.31
N TYR A 16 -0.57 6.56 2.43
CA TYR A 16 -0.56 7.90 1.82
C TYR A 16 -0.70 9.10 2.84
N LEU A 17 -1.39 8.85 3.98
CA LEU A 17 -1.62 9.82 5.10
C LEU A 17 -0.30 10.20 5.87
N VAL A 18 0.52 9.21 6.32
CA VAL A 18 1.83 9.44 7.04
C VAL A 18 2.94 9.79 5.97
N SER A 19 3.25 8.89 5.00
CA SER A 19 4.30 9.12 3.96
C SER A 19 4.03 10.25 2.92
N GLY A 20 2.79 10.40 2.37
CA GLY A 20 2.45 11.44 1.38
C GLY A 20 2.66 10.94 -0.06
N GLU A 21 1.66 11.19 -0.93
CA GLU A 21 1.65 10.79 -2.39
C GLU A 21 2.98 10.74 -3.20
N ARG A 22 3.87 11.73 -3.02
CA ARG A 22 5.20 11.82 -3.72
C ARG A 22 6.27 10.82 -3.18
N GLY A 23 6.40 10.60 -1.84
CA GLY A 23 7.38 9.66 -1.25
C GLY A 23 6.76 8.28 -1.04
N PHE A 24 6.79 7.44 -2.10
CA PHE A 24 6.23 6.06 -2.07
C PHE A 24 7.43 5.11 -1.87
N PHE A 25 7.46 4.42 -0.70
CA PHE A 25 8.54 3.46 -0.33
C PHE A 25 7.81 2.25 0.31
N TYR A 26 7.92 1.07 -0.35
CA TYR A 26 7.30 -0.21 0.11
C TYR A 26 8.36 -1.36 0.16
N THR A 27 8.91 -1.78 -0.98
CA THR A 27 9.94 -2.85 -1.10
C THR A 27 11.38 -2.21 -0.98
N PRO A 28 12.43 -2.66 -0.18
CA PRO A 28 13.74 -1.94 -0.09
C PRO A 28 14.63 -2.10 -1.36
N LYS A 29 15.44 -1.05 -1.67
CA LYS A 29 16.40 -0.98 -2.84
C LYS A 29 15.66 -0.87 -4.22
N ALA A 30 14.80 -1.85 -4.62
CA ALA A 30 14.06 -1.83 -5.90
C ALA A 30 12.70 -1.16 -5.74
N PHE A 1 -17.31 -22.52 2.46
CA PHE A 1 -16.87 -21.11 2.38
C PHE A 1 -18.09 -20.20 2.16
N VAL A 2 -18.25 -19.18 3.02
CA VAL A 2 -19.39 -18.19 2.95
C VAL A 2 -18.79 -16.86 3.47
N ASN A 3 -18.64 -15.83 2.57
CA ASN A 3 -18.07 -14.47 2.86
C ASN A 3 -16.63 -14.53 3.45
N GLN A 4 -15.64 -13.98 2.70
CA GLN A 4 -14.20 -13.95 3.10
C GLN A 4 -13.74 -12.50 2.80
N HIS A 5 -13.29 -11.79 3.87
CA HIS A 5 -12.80 -10.39 3.79
C HIS A 5 -11.27 -10.39 3.48
N LEU A 6 -10.93 -10.18 2.19
CA LEU A 6 -9.53 -10.15 1.69
C LEU A 6 -8.91 -8.74 1.84
N SER A 7 -7.63 -8.68 2.28
CA SER A 7 -6.87 -7.41 2.47
C SER A 7 -6.17 -7.00 1.16
N GLY A 8 -6.31 -5.71 0.80
CA GLY A 8 -5.71 -5.15 -0.44
C GLY A 8 -5.69 -3.61 -0.40
N SER A 9 -6.82 -3.00 -0.81
CA SER A 9 -6.98 -1.51 -0.85
C SER A 9 -7.08 -0.77 0.51
N HIS A 10 -7.74 -1.30 1.57
CA HIS A 10 -7.85 -0.64 2.92
C HIS A 10 -6.47 -0.33 3.58
N LEU A 11 -5.52 -1.31 3.64
CA LEU A 11 -4.14 -1.15 4.18
C LEU A 11 -3.35 -0.11 3.30
N VAL A 12 -2.96 -0.44 2.04
CA VAL A 12 -2.23 0.45 1.06
C VAL A 12 -2.83 1.89 0.92
N GLU A 13 -4.16 2.13 1.13
CA GLU A 13 -4.72 3.52 1.12
C GLU A 13 -4.29 4.19 2.48
N ALA A 14 -4.64 3.72 3.70
CA ALA A 14 -4.26 4.36 5.02
C ALA A 14 -2.89 5.06 5.27
N LEU A 15 -1.77 4.54 4.71
CA LEU A 15 -0.39 5.10 4.89
C LEU A 15 0.00 6.37 4.13
N TYR A 16 -0.60 6.53 2.95
CA TYR A 16 -0.50 7.69 2.05
C TYR A 16 -0.46 9.17 2.63
N LEU A 17 -1.12 9.36 3.79
CA LEU A 17 -1.28 10.61 4.54
C LEU A 17 -0.06 10.99 5.43
N VAL A 18 0.43 10.08 6.32
CA VAL A 18 1.60 10.30 7.23
C VAL A 18 2.95 10.07 6.44
N SER A 19 3.17 8.91 5.77
CA SER A 19 4.41 8.59 5.02
C SER A 19 4.85 9.54 3.85
N GLY A 20 3.95 9.94 2.92
CA GLY A 20 4.30 10.83 1.79
C GLY A 20 3.54 10.46 0.52
N GLU A 21 2.32 11.03 0.36
CA GLU A 21 1.41 10.78 -0.81
C GLU A 21 2.06 10.73 -2.25
N ARG A 22 3.00 11.65 -2.56
CA ARG A 22 3.73 11.70 -3.87
C ARG A 22 4.67 10.50 -4.22
N GLY A 23 5.35 9.88 -3.23
CA GLY A 23 6.27 8.74 -3.47
C GLY A 23 6.39 7.88 -2.21
N PHE A 24 5.54 6.84 -2.12
CA PHE A 24 5.49 5.90 -0.97
C PHE A 24 5.59 4.47 -1.55
N PHE A 25 6.69 3.74 -1.23
CA PHE A 25 6.95 2.35 -1.70
C PHE A 25 7.52 1.52 -0.52
N TYR A 26 6.85 0.40 -0.18
CA TYR A 26 7.27 -0.50 0.93
C TYR A 26 7.18 -1.96 0.40
N THR A 27 8.32 -2.68 0.36
CA THR A 27 8.40 -4.09 -0.11
C THR A 27 9.18 -4.85 1.03
N PRO A 28 8.67 -5.79 1.92
CA PRO A 28 9.49 -6.43 2.99
C PRO A 28 10.42 -7.55 2.43
N LYS A 29 11.69 -7.59 2.90
CA LYS A 29 12.77 -8.57 2.51
C LYS A 29 13.12 -8.47 1.00
N ALA A 30 14.43 -8.36 0.68
CA ALA A 30 14.92 -8.26 -0.72
C ALA A 30 15.24 -9.65 -1.27
N PHE A 1 -17.91 -18.72 0.47
CA PHE A 1 -16.83 -18.17 -0.39
C PHE A 1 -15.61 -17.90 0.54
N VAL A 2 -14.45 -18.51 0.20
CA VAL A 2 -13.17 -18.37 0.95
C VAL A 2 -12.07 -18.20 -0.15
N ASN A 3 -11.73 -16.94 -0.48
CA ASN A 3 -10.70 -16.60 -1.51
C ASN A 3 -9.36 -16.35 -0.77
N GLN A 4 -8.32 -17.10 -1.19
CA GLN A 4 -6.95 -17.02 -0.60
C GLN A 4 -6.11 -15.98 -1.40
N HIS A 5 -5.27 -15.19 -0.67
CA HIS A 5 -4.35 -14.11 -1.20
C HIS A 5 -5.11 -12.95 -1.90
N LEU A 6 -5.40 -11.87 -1.15
CA LEU A 6 -6.09 -10.64 -1.64
C LEU A 6 -5.61 -9.49 -0.73
N SER A 7 -4.98 -8.46 -1.35
CA SER A 7 -4.46 -7.26 -0.64
C SER A 7 -5.56 -6.20 -0.32
N GLY A 8 -6.32 -5.67 -1.33
CA GLY A 8 -7.39 -4.68 -1.10
C GLY A 8 -6.92 -3.23 -0.86
N SER A 9 -7.93 -2.35 -0.73
CA SER A 9 -7.74 -0.89 -0.48
C SER A 9 -7.39 -0.47 0.98
N HIS A 10 -7.82 -1.19 2.06
CA HIS A 10 -7.51 -0.83 3.49
C HIS A 10 -6.00 -0.55 3.83
N LEU A 11 -5.06 -1.47 3.48
CA LEU A 11 -3.59 -1.31 3.71
C LEU A 11 -3.05 -0.13 2.82
N VAL A 12 -2.94 -0.27 1.47
CA VAL A 12 -2.48 0.80 0.50
C VAL A 12 -3.14 2.20 0.64
N GLU A 13 -4.40 2.31 1.15
CA GLU A 13 -5.03 3.64 1.42
C GLU A 13 -4.37 4.19 2.74
N ALA A 14 -4.43 3.54 3.94
CA ALA A 14 -3.85 4.05 5.24
C ALA A 14 -2.49 4.84 5.30
N LEU A 15 -1.48 4.49 4.49
CA LEU A 15 -0.13 5.14 4.45
C LEU A 15 0.00 6.50 3.79
N TYR A 16 -0.86 6.76 2.81
CA TYR A 16 -1.00 8.03 2.07
C TYR A 16 -0.88 9.40 2.86
N LEU A 17 -1.39 9.39 4.11
CA LEU A 17 -1.42 10.47 5.11
C LEU A 17 -0.06 10.60 5.86
N VAL A 18 0.48 9.48 6.45
CA VAL A 18 1.79 9.43 7.20
C VAL A 18 3.03 9.58 6.24
N SER A 19 3.19 8.72 5.21
CA SER A 19 4.32 8.77 4.24
C SER A 19 4.27 9.92 3.17
N GLY A 20 3.10 10.21 2.53
CA GLY A 20 2.97 11.28 1.51
C GLY A 20 2.86 10.60 0.14
N GLU A 21 1.66 10.67 -0.48
CA GLU A 21 1.33 10.07 -1.82
C GLU A 21 2.45 10.08 -2.94
N ARG A 22 3.22 11.18 -3.08
CA ARG A 22 4.34 11.28 -4.08
C ARG A 22 5.62 10.46 -3.69
N GLY A 23 6.06 10.46 -2.40
CA GLY A 23 7.26 9.71 -1.96
C GLY A 23 6.84 8.35 -1.39
N PHE A 24 6.81 7.33 -2.26
CA PHE A 24 6.42 5.94 -1.88
C PHE A 24 7.73 5.17 -1.56
N PHE A 25 7.86 4.74 -0.29
CA PHE A 25 9.04 3.97 0.21
C PHE A 25 8.46 2.92 1.20
N TYR A 26 8.57 1.63 0.82
CA TYR A 26 8.07 0.48 1.64
C TYR A 26 9.22 -0.10 2.53
N THR A 27 10.23 -0.74 1.91
CA THR A 27 11.41 -1.35 2.61
C THR A 27 12.64 -1.18 1.64
N PRO A 28 13.80 -0.45 1.88
CA PRO A 28 14.88 -0.30 0.86
C PRO A 28 15.79 -1.56 0.77
N LYS A 29 16.06 -2.02 -0.47
CA LYS A 29 16.91 -3.22 -0.82
C LYS A 29 16.37 -4.60 -0.33
N ALA A 30 16.21 -4.82 0.99
CA ALA A 30 15.70 -6.08 1.57
C ALA A 30 14.18 -6.07 1.70
N PHE A 1 -13.42 -17.13 -10.90
CA PHE A 1 -14.10 -16.60 -12.10
C PHE A 1 -13.57 -15.16 -12.45
N VAL A 2 -13.77 -14.12 -11.60
CA VAL A 2 -13.31 -12.72 -11.84
C VAL A 2 -11.94 -12.60 -11.11
N ASN A 3 -10.84 -12.39 -11.88
CA ASN A 3 -9.47 -12.26 -11.33
C ASN A 3 -9.19 -10.75 -11.12
N GLN A 4 -8.89 -10.37 -9.86
CA GLN A 4 -8.60 -8.97 -9.46
C GLN A 4 -7.06 -8.79 -9.49
N HIS A 5 -6.59 -7.71 -10.15
CA HIS A 5 -5.13 -7.37 -10.29
C HIS A 5 -4.50 -6.76 -9.00
N LEU A 6 -5.08 -5.71 -8.36
CA LEU A 6 -4.54 -5.07 -7.13
C LEU A 6 -5.33 -5.70 -5.95
N SER A 7 -4.61 -6.43 -5.08
CA SER A 7 -5.20 -7.11 -3.89
C SER A 7 -4.80 -6.36 -2.61
N GLY A 8 -5.82 -6.08 -1.76
CA GLY A 8 -5.65 -5.37 -0.47
C GLY A 8 -5.59 -3.83 -0.59
N SER A 9 -6.77 -3.21 -0.79
CA SER A 9 -6.90 -1.73 -0.90
C SER A 9 -6.93 -0.95 0.45
N HIS A 10 -7.59 -1.44 1.53
CA HIS A 10 -7.64 -0.74 2.87
C HIS A 10 -6.23 -0.40 3.47
N LEU A 11 -5.28 -1.38 3.51
CA LEU A 11 -3.87 -1.18 4.00
C LEU A 11 -3.19 -0.05 3.15
N VAL A 12 -2.84 -0.27 1.86
CA VAL A 12 -2.21 0.73 0.91
C VAL A 12 -2.93 2.13 0.87
N GLU A 13 -4.26 2.25 1.13
CA GLU A 13 -4.95 3.57 1.19
C GLU A 13 -4.72 4.31 2.55
N ALA A 14 -4.48 3.67 3.70
CA ALA A 14 -4.21 4.33 5.03
C ALA A 14 -2.86 5.07 5.27
N LEU A 15 -1.73 4.58 4.74
CA LEU A 15 -0.34 5.15 4.90
C LEU A 15 0.04 6.44 4.19
N TYR A 16 -0.59 6.63 3.04
CA TYR A 16 -0.52 7.81 2.14
C TYR A 16 -0.46 9.28 2.75
N LEU A 17 -1.08 9.45 3.93
CA LEU A 17 -1.24 10.67 4.73
C LEU A 17 0.01 11.04 5.60
N VAL A 18 0.52 10.10 6.44
CA VAL A 18 1.71 10.30 7.34
C VAL A 18 3.04 10.13 6.50
N SER A 19 3.26 9.00 5.78
CA SER A 19 4.49 8.75 4.97
C SER A 19 4.84 9.75 3.83
N GLY A 20 3.88 10.16 2.95
CA GLY A 20 4.14 11.11 1.85
C GLY A 20 3.49 10.62 0.55
N GLU A 21 2.22 11.04 0.31
CA GLU A 21 1.40 10.69 -0.89
C GLU A 21 2.13 10.53 -2.28
N ARG A 22 3.08 11.43 -2.61
CA ARG A 22 3.88 11.37 -3.88
C ARG A 22 4.94 10.23 -3.97
N GLY A 23 5.72 9.94 -2.90
CA GLY A 23 6.74 8.88 -2.89
C GLY A 23 6.16 7.54 -2.42
N PHE A 24 6.82 6.90 -1.41
CA PHE A 24 6.46 5.58 -0.79
C PHE A 24 6.35 4.43 -1.85
N PHE A 25 7.47 3.71 -2.05
CA PHE A 25 7.56 2.58 -3.01
C PHE A 25 7.42 1.28 -2.17
N TYR A 26 6.36 0.50 -2.46
CA TYR A 26 6.06 -0.78 -1.76
C TYR A 26 6.59 -1.91 -2.67
N THR A 27 7.57 -2.69 -2.14
CA THR A 27 8.20 -3.83 -2.87
C THR A 27 7.42 -5.13 -2.36
N PRO A 28 6.56 -5.93 -3.11
CA PRO A 28 5.85 -7.11 -2.53
C PRO A 28 6.79 -8.34 -2.36
N LYS A 29 6.65 -9.02 -1.20
CA LYS A 29 7.45 -10.24 -0.86
C LYS A 29 6.78 -11.53 -1.44
N ALA A 30 5.55 -11.92 -1.00
CA ALA A 30 4.85 -13.13 -1.50
C ALA A 30 3.96 -12.78 -2.69
N PHE A 1 -0.11 -13.35 -14.86
CA PHE A 1 -0.67 -12.16 -14.18
C PHE A 1 -1.40 -11.36 -15.30
N VAL A 2 -2.73 -11.53 -15.38
CA VAL A 2 -3.62 -10.85 -16.39
C VAL A 2 -4.95 -10.36 -15.71
N ASN A 3 -5.80 -11.29 -15.23
CA ASN A 3 -7.10 -10.99 -14.56
C ASN A 3 -7.04 -10.39 -13.12
N GLN A 4 -6.09 -10.86 -12.27
CA GLN A 4 -5.91 -10.39 -10.87
C GLN A 4 -4.86 -9.24 -10.91
N HIS A 5 -5.28 -8.04 -10.49
CA HIS A 5 -4.43 -6.82 -10.45
C HIS A 5 -4.67 -6.10 -9.10
N LEU A 6 -3.61 -5.94 -8.26
CA LEU A 6 -3.62 -5.27 -6.91
C LEU A 6 -4.55 -6.02 -5.90
N SER A 7 -4.02 -6.34 -4.70
CA SER A 7 -4.78 -7.04 -3.64
C SER A 7 -4.58 -6.30 -2.29
N GLY A 8 -5.71 -5.96 -1.64
CA GLY A 8 -5.71 -5.25 -0.33
C GLY A 8 -5.65 -3.72 -0.48
N SER A 9 -6.82 -3.09 -0.72
CA SER A 9 -6.95 -1.62 -0.87
C SER A 9 -6.96 -0.80 0.46
N HIS A 10 -7.66 -1.24 1.55
CA HIS A 10 -7.70 -0.52 2.87
C HIS A 10 -6.30 -0.23 3.50
N LEU A 11 -5.36 -1.23 3.51
CA LEU A 11 -3.96 -1.07 4.01
C LEU A 11 -3.20 -0.03 3.14
N VAL A 12 -2.85 -0.32 1.86
CA VAL A 12 -2.14 0.57 0.86
C VAL A 12 -2.76 2.02 0.76
N GLU A 13 -4.07 2.26 1.01
CA GLU A 13 -4.64 3.63 1.04
C GLU A 13 -4.15 4.29 2.38
N ALA A 14 -4.47 3.80 3.61
CA ALA A 14 -4.06 4.41 4.93
C ALA A 14 -2.68 5.11 5.16
N LEU A 15 -1.58 4.61 4.56
CA LEU A 15 -0.20 5.17 4.71
C LEU A 15 0.17 6.45 3.98
N TYR A 16 -0.47 6.63 2.82
CA TYR A 16 -0.39 7.82 1.94
C TYR A 16 -0.33 9.28 2.56
N LEU A 17 -0.98 9.45 3.73
CA LEU A 17 -1.14 10.68 4.52
C LEU A 17 0.09 11.03 5.41
N VAL A 18 0.58 10.09 6.27
CA VAL A 18 1.75 10.29 7.18
C VAL A 18 3.09 10.09 6.36
N SER A 19 3.31 8.94 5.68
CA SER A 19 4.56 8.65 4.89
C SER A 19 4.89 9.60 3.69
N GLY A 20 3.94 9.92 2.77
CA GLY A 20 4.20 10.80 1.62
C GLY A 20 3.18 10.57 0.49
N GLU A 21 2.27 11.56 0.30
CA GLU A 21 1.18 11.55 -0.75
C GLU A 21 1.54 10.91 -2.14
N ARG A 22 2.72 11.23 -2.71
CA ARG A 22 3.22 10.65 -3.99
C ARG A 22 4.66 10.06 -3.74
N GLY A 23 4.73 9.00 -2.89
CA GLY A 23 6.01 8.34 -2.54
C GLY A 23 5.75 7.11 -1.67
N PHE A 24 5.56 5.94 -2.32
CA PHE A 24 5.29 4.65 -1.64
C PHE A 24 6.64 3.92 -1.43
N PHE A 25 6.92 3.54 -0.17
CA PHE A 25 8.16 2.82 0.22
C PHE A 25 7.66 1.59 1.03
N TYR A 26 7.73 0.40 0.39
CA TYR A 26 7.29 -0.91 0.99
C TYR A 26 8.40 -2.01 0.88
N THR A 27 8.88 -2.32 -0.35
CA THR A 27 9.93 -3.35 -0.63
C THR A 27 10.94 -2.80 -1.70
N PRO A 28 12.33 -2.73 -1.61
CA PRO A 28 13.19 -2.12 -2.67
C PRO A 28 13.17 -2.87 -4.03
N LYS A 29 13.19 -2.10 -5.14
CA LYS A 29 13.19 -2.64 -6.53
C LYS A 29 14.37 -1.92 -7.24
N ALA A 30 15.39 -2.72 -7.63
CA ALA A 30 16.60 -2.21 -8.32
C ALA A 30 16.43 -2.26 -9.84
N PHE A 1 -4.87 -15.34 -1.66
CA PHE A 1 -5.36 -15.86 -0.37
C PHE A 1 -6.76 -15.22 -0.14
N VAL A 2 -7.79 -16.08 -0.06
CA VAL A 2 -9.21 -15.65 0.17
C VAL A 2 -9.87 -16.84 0.93
N ASN A 3 -10.20 -16.64 2.23
CA ASN A 3 -10.84 -17.68 3.10
C ASN A 3 -12.20 -17.17 3.68
N GLN A 4 -12.17 -16.14 4.55
CA GLN A 4 -13.37 -15.54 5.20
C GLN A 4 -13.39 -13.98 4.93
N HIS A 5 -12.44 -13.18 5.47
CA HIS A 5 -12.38 -11.71 5.26
C HIS A 5 -11.42 -11.44 4.07
N LEU A 6 -11.93 -10.74 3.04
CA LEU A 6 -11.15 -10.39 1.82
C LEU A 6 -11.39 -8.89 1.55
N SER A 7 -10.39 -8.04 1.88
CA SER A 7 -10.44 -6.57 1.69
C SER A 7 -9.12 -6.13 1.02
N GLY A 8 -9.25 -5.41 -0.12
CA GLY A 8 -8.09 -4.91 -0.91
C GLY A 8 -7.55 -3.54 -0.45
N SER A 9 -8.30 -2.47 -0.78
CA SER A 9 -7.95 -1.05 -0.46
C SER A 9 -7.44 -0.63 0.96
N HIS A 10 -7.83 -1.30 2.07
CA HIS A 10 -7.40 -0.95 3.46
C HIS A 10 -5.87 -0.65 3.70
N LEU A 11 -4.96 -1.54 3.20
CA LEU A 11 -3.48 -1.38 3.31
C LEU A 11 -3.00 -0.12 2.52
N VAL A 12 -3.00 -0.13 1.16
CA VAL A 12 -2.58 1.01 0.27
C VAL A 12 -3.24 2.40 0.55
N GLU A 13 -4.47 2.45 1.12
CA GLU A 13 -5.11 3.74 1.54
C GLU A 13 -4.38 4.20 2.86
N ALA A 14 -4.37 3.46 4.01
CA ALA A 14 -3.70 3.87 5.29
C ALA A 14 -2.36 4.66 5.35
N LEU A 15 -1.40 4.39 4.47
CA LEU A 15 -0.06 5.06 4.41
C LEU A 15 0.04 6.49 3.88
N TYR A 16 -0.85 6.81 2.95
CA TYR A 16 -1.06 8.12 2.33
C TYR A 16 -0.97 9.47 3.18
N LEU A 17 -1.32 9.34 4.48
CA LEU A 17 -1.37 10.40 5.51
C LEU A 17 0.01 10.74 6.12
N VAL A 18 0.78 9.75 6.65
CA VAL A 18 2.14 9.94 7.26
C VAL A 18 3.20 10.02 6.09
N SER A 19 3.32 8.98 5.20
CA SER A 19 4.28 8.96 4.07
C SER A 19 4.09 10.02 2.94
N GLY A 20 2.85 10.29 2.45
CA GLY A 20 2.59 11.28 1.38
C GLY A 20 2.61 10.60 0.01
N GLU A 21 1.53 10.79 -0.79
CA GLU A 21 1.35 10.22 -2.18
C GLU A 21 2.59 10.16 -3.12
N ARG A 22 3.48 11.18 -3.11
CA ARG A 22 4.72 11.23 -3.95
C ARG A 22 5.85 10.25 -3.46
N GLY A 23 6.11 10.11 -2.13
CA GLY A 23 7.15 9.22 -1.60
C GLY A 23 6.51 7.91 -1.11
N PHE A 24 6.44 6.90 -2.01
CA PHE A 24 5.85 5.58 -1.72
C PHE A 24 7.01 4.65 -1.29
N PHE A 25 7.16 4.47 0.04
CA PHE A 25 8.21 3.61 0.67
C PHE A 25 7.55 2.96 1.90
N TYR A 26 7.50 1.61 1.92
CA TYR A 26 6.90 0.81 3.01
C TYR A 26 8.08 0.36 3.91
N THR A 27 8.09 0.84 5.18
CA THR A 27 9.13 0.52 6.19
C THR A 27 8.33 0.26 7.54
N PRO A 28 8.21 -0.95 8.21
CA PRO A 28 7.41 -1.11 9.45
C PRO A 28 8.08 -0.48 10.72
N LYS A 29 7.27 0.14 11.61
CA LYS A 29 7.68 0.80 12.89
C LYS A 29 8.67 1.97 12.65
N ALA A 30 8.45 3.12 13.33
CA ALA A 30 9.30 4.33 13.23
C ALA A 30 9.70 4.81 14.63
N PHE A 1 -12.76 -20.61 1.13
CA PHE A 1 -13.88 -20.44 2.09
C PHE A 1 -13.45 -19.89 3.48
N VAL A 2 -12.54 -20.58 4.23
CA VAL A 2 -12.05 -20.12 5.57
C VAL A 2 -10.72 -19.34 5.30
N ASN A 3 -10.73 -18.01 5.47
CA ASN A 3 -9.55 -17.11 5.25
C ASN A 3 -9.23 -16.13 6.42
N GLN A 4 -10.23 -15.39 6.95
CA GLN A 4 -10.14 -14.39 8.06
C GLN A 4 -9.36 -13.13 7.59
N HIS A 5 -9.95 -11.92 7.75
CA HIS A 5 -9.38 -10.58 7.37
C HIS A 5 -9.12 -10.47 5.84
N LEU A 6 -9.70 -9.47 5.18
CA LEU A 6 -9.55 -9.24 3.71
C LEU A 6 -8.46 -8.14 3.55
N SER A 7 -7.36 -8.51 2.87
CA SER A 7 -6.21 -7.60 2.61
C SER A 7 -6.20 -7.23 1.11
N GLY A 8 -6.16 -5.92 0.82
CA GLY A 8 -6.14 -5.40 -0.55
C GLY A 8 -6.10 -3.87 -0.55
N SER A 9 -7.29 -3.25 -0.59
CA SER A 9 -7.44 -1.77 -0.61
C SER A 9 -7.27 -1.06 0.78
N HIS A 10 -7.91 -1.53 1.90
CA HIS A 10 -7.78 -0.91 3.27
C HIS A 10 -6.33 -0.55 3.72
N LEU A 11 -5.34 -1.47 3.53
CA LEU A 11 -3.90 -1.27 3.84
C LEU A 11 -3.33 -0.11 2.95
N VAL A 12 -3.14 -0.29 1.62
CA VAL A 12 -2.61 0.73 0.62
C VAL A 12 -3.27 2.15 0.74
N GLU A 13 -4.55 2.32 1.18
CA GLU A 13 -5.12 3.68 1.44
C GLU A 13 -4.49 4.20 2.78
N ALA A 14 -4.63 3.57 3.98
CA ALA A 14 -4.07 4.05 5.29
C ALA A 14 -2.68 4.76 5.42
N LEU A 15 -1.66 4.38 4.63
CA LEU A 15 -0.28 4.96 4.66
C LEU A 15 -0.05 6.33 4.02
N TYR A 16 -0.82 6.61 2.98
CA TYR A 16 -0.88 7.87 2.22
C TYR A 16 -0.79 9.27 2.95
N LEU A 17 -1.26 9.30 4.22
CA LEU A 17 -1.35 10.45 5.13
C LEU A 17 0.00 10.79 5.83
N VAL A 18 0.68 9.81 6.49
CA VAL A 18 2.02 9.99 7.17
C VAL A 18 3.15 9.94 6.05
N SER A 19 3.25 8.85 5.24
CA SER A 19 4.27 8.69 4.16
C SER A 19 4.46 9.81 3.10
N GLY A 20 3.39 10.52 2.66
CA GLY A 20 3.48 11.61 1.65
C GLY A 20 3.18 11.04 0.27
N GLU A 21 2.02 11.43 -0.32
CA GLU A 21 1.53 10.97 -1.67
C GLU A 21 2.58 10.83 -2.83
N ARG A 22 3.59 11.72 -2.92
CA ARG A 22 4.67 11.66 -3.96
C ARG A 22 5.71 10.52 -3.75
N GLY A 23 6.15 10.21 -2.50
CA GLY A 23 7.13 9.14 -2.22
C GLY A 23 6.44 7.82 -1.91
N PHE A 24 6.13 7.04 -2.97
CA PHE A 24 5.45 5.73 -2.87
C PHE A 24 6.50 4.67 -3.30
N PHE A 25 6.92 3.81 -2.35
CA PHE A 25 7.91 2.73 -2.57
C PHE A 25 7.43 1.53 -1.72
N TYR A 26 7.13 0.40 -2.38
CA TYR A 26 6.65 -0.85 -1.73
C TYR A 26 7.46 -2.01 -2.38
N THR A 27 8.23 -2.74 -1.54
CA THR A 27 9.07 -3.90 -1.98
C THR A 27 8.74 -5.05 -0.94
N PRO A 28 8.10 -6.26 -1.22
CA PRO A 28 7.77 -7.27 -0.16
C PRO A 28 9.02 -7.98 0.45
N LYS A 29 8.99 -8.21 1.77
CA LYS A 29 10.09 -8.88 2.53
C LYS A 29 9.98 -10.44 2.44
N ALA A 30 8.89 -11.09 2.94
CA ALA A 30 8.72 -12.56 2.90
C ALA A 30 7.34 -12.90 2.33
#